data_7KZU
#
_entry.id   7KZU
#
_cell.length_a   145.135
_cell.length_b   145.135
_cell.length_c   122.212
_cell.angle_alpha   90.000
_cell.angle_beta   90.000
_cell.angle_gamma   120.000
#
_symmetry.space_group_name_H-M   'P 63 2 2'
#
loop_
_entity.id
_entity.type
_entity.pdbx_description
1 polymer 'Chaperone protein DnaK fused with substrate peptide,Chaperone protein DnaK fused with substrate peptide'
2 non-polymer "ADENOSINE-5'-TRIPHOSPHATE"
3 non-polymer 'MAGNESIUM ION'
4 non-polymer GLYCEROL
5 non-polymer 'SULFATE ION'
6 water water
#
_entity_poly.entity_id   1
_entity_poly.type   'polypeptide(L)'
_entity_poly.pdbx_seq_one_letter_code
;SGKIIGIDLGTTNSCVAIMDGTTPRVLENAEGDRTTPSIIAYTQDGETLVGQPAKRQAVTNPQNTLFAIKRLIGRRFQDE
EVQRDVSIMPFKIIAADNGDAWVEVKGQKMAPPQISAEVLKKMKKTAEDYLGEPVTEAVITVPAYFNDAQRQATKDAGRI
AGLEVKRIINEPTAAALAYGLDKGTGNRTIAVYDLGGGAFDISIIEIDEVDGEKTFEVLATNGDTHLGGEDFDSRLINYL
VEEFKKDQGIDLRNDPLAMQRLKEAAEKAKIELSSAQQTDVNLPYITADATGPKHMNIKVTRAKLESLVEDLVNRSIEPL
KVALQDAGLSVSDIDDVILVGGQTRMPMVQKKVAEFFGKEPRKDVNPDEAVAIGAAVQGGVLTGDVKDVLLLDVTPLSLG
IETMGGVMTTLIAKNTTIPTKHSQVFSTAEDNQSAVTIHVLQGERKRAADNKSLGQFNLDGINPAPRGMPQIEVTFDIDA
DGILHVSAKDKNSGKEQKITIKASSGLNEDEIQKMVRDAEANAEADRKFEELVQTRNQGDTTGSGNRLLLTG
;
_entity_poly.pdbx_strand_id   A
#
loop_
_chem_comp.id
_chem_comp.type
_chem_comp.name
_chem_comp.formula
ATP non-polymer ADENOSINE-5'-TRIPHOSPHATE 'C10 H16 N5 O13 P3'
GOL non-polymer GLYCEROL 'C3 H8 O3'
MG non-polymer 'MAGNESIUM ION' 'Mg 2'
SO4 non-polymer 'SULFATE ION' 'O4 S -2'
#
# COMPACT_ATOMS: atom_id res chain seq x y z
N SER A 1 16.36 0.58 22.85
CA SER A 1 15.25 1.01 22.00
C SER A 1 15.68 2.03 20.95
N GLY A 2 15.92 3.27 21.39
CA GLY A 2 16.25 4.36 20.48
C GLY A 2 15.01 5.15 20.07
N LYS A 3 15.21 6.04 19.10
CA LYS A 3 14.10 6.82 18.55
C LYS A 3 13.26 5.98 17.61
N ILE A 4 11.95 6.23 17.62
CA ILE A 4 11.04 5.59 16.68
C ILE A 4 10.93 6.53 15.47
N ILE A 5 11.48 6.11 14.33
CA ILE A 5 11.46 6.96 13.15
C ILE A 5 10.19 6.65 12.36
N GLY A 6 9.77 7.60 11.53
CA GLY A 6 8.61 7.38 10.69
C GLY A 6 8.98 7.25 9.24
N ILE A 7 8.62 6.15 8.59
CA ILE A 7 9.02 5.89 7.22
C ILE A 7 7.79 5.83 6.32
N ASP A 8 7.69 6.78 5.40
CA ASP A 8 6.76 6.70 4.28
C ASP A 8 7.44 5.84 3.23
N LEU A 9 7.02 4.58 3.13
CA LEU A 9 7.53 3.67 2.11
C LEU A 9 6.59 3.72 0.92
N GLY A 10 6.98 4.48 -0.11
CA GLY A 10 6.12 4.75 -1.23
C GLY A 10 6.42 3.91 -2.44
N THR A 11 5.43 3.82 -3.34
CA THR A 11 5.61 3.12 -4.61
C THR A 11 6.76 3.71 -5.42
N THR A 12 6.87 5.03 -5.43
CA THR A 12 7.86 5.75 -6.23
C THR A 12 8.97 6.37 -5.40
N ASN A 13 8.59 6.99 -4.29
CA ASN A 13 9.49 7.76 -3.44
C ASN A 13 9.26 7.37 -2.00
N SER A 14 10.34 7.32 -1.22
CA SER A 14 10.26 7.11 0.22
C SER A 14 10.86 8.29 0.94
N CYS A 15 10.49 8.44 2.21
CA CYS A 15 10.76 9.64 2.97
C CYS A 15 10.75 9.27 4.43
N VAL A 16 11.72 9.79 5.20
CA VAL A 16 11.86 9.44 6.61
C VAL A 16 11.84 10.71 7.46
N ALA A 17 11.12 10.65 8.59
CA ALA A 17 10.98 11.76 9.51
C ALA A 17 11.16 11.24 10.94
N ILE A 18 11.48 12.17 11.84
CA ILE A 18 11.71 11.88 13.24
C ILE A 18 10.99 12.95 14.05
N MET A 19 10.82 12.69 15.35
CA MET A 19 10.41 13.73 16.28
C MET A 19 11.66 14.45 16.77
N ASP A 20 11.74 15.74 16.51
CA ASP A 20 12.81 16.58 17.04
C ASP A 20 12.18 17.28 18.23
N GLY A 21 12.33 16.67 19.40
CA GLY A 21 11.55 17.13 20.53
C GLY A 21 10.07 16.95 20.22
N THR A 22 9.32 18.06 20.22
CA THR A 22 7.91 18.01 19.88
C THR A 22 7.66 18.35 18.41
N THR A 23 8.70 18.49 17.61
CA THR A 23 8.52 18.88 16.21
C THR A 23 8.95 17.76 15.30
N PRO A 24 8.05 17.26 14.44
CA PRO A 24 8.47 16.30 13.41
C PRO A 24 9.40 16.97 12.42
N ARG A 25 10.31 16.18 11.85
CA ARG A 25 11.34 16.71 10.95
C ARG A 25 11.69 15.66 9.91
N VAL A 26 11.59 16.02 8.63
CA VAL A 26 12.01 15.13 7.54
C VAL A 26 13.53 15.22 7.40
N LEU A 27 14.15 14.11 7.02
CA LEU A 27 15.61 13.99 6.98
C LEU A 27 16.09 13.92 5.55
N GLU A 28 17.08 14.75 5.21
CA GLU A 28 17.77 14.59 3.93
C GLU A 28 18.57 13.31 3.93
N ASN A 29 18.66 12.67 2.76
CA ASN A 29 19.47 11.48 2.63
C ASN A 29 20.91 11.89 2.28
N ALA A 30 21.77 10.89 2.04
CA ALA A 30 23.17 11.16 1.80
C ALA A 30 23.39 12.05 0.57
N GLU A 31 22.55 11.88 -0.47
CA GLU A 31 22.60 12.70 -1.67
C GLU A 31 22.10 14.13 -1.43
N GLY A 32 21.57 14.46 -0.25
CA GLY A 32 21.00 15.77 -0.01
C GLY A 32 19.51 15.93 -0.33
N ASP A 33 18.80 14.83 -0.63
CA ASP A 33 17.39 14.86 -1.02
C ASP A 33 16.48 14.46 0.14
N ARG A 34 15.36 15.18 0.28
CA ARG A 34 14.37 14.85 1.30
C ARG A 34 13.52 13.63 0.96
N THR A 35 13.54 13.14 -0.28
CA THR A 35 12.89 11.88 -0.60
C THR A 35 13.87 11.05 -1.41
N THR A 36 13.68 9.74 -1.36
CA THR A 36 14.58 8.80 -1.98
C THR A 36 13.77 7.91 -2.91
N PRO A 37 14.20 7.70 -4.14
CA PRO A 37 13.46 6.80 -5.04
C PRO A 37 13.46 5.38 -4.47
N SER A 38 12.27 4.76 -4.51
CA SER A 38 12.06 3.37 -4.10
C SER A 38 12.52 2.45 -5.24
N ILE A 39 13.83 2.49 -5.51
CA ILE A 39 14.42 1.76 -6.62
C ILE A 39 15.63 0.98 -6.13
N ILE A 40 15.69 -0.28 -6.51
CA ILE A 40 16.71 -1.21 -6.02
C ILE A 40 17.32 -1.85 -7.24
N ALA A 41 18.64 -1.72 -7.39
CA ALA A 41 19.32 -2.23 -8.57
C ALA A 41 20.50 -3.09 -8.16
N TYR A 42 20.65 -4.21 -8.87
CA TYR A 42 21.75 -5.14 -8.66
C TYR A 42 22.66 -5.07 -9.88
N THR A 43 23.93 -4.71 -9.65
CA THR A 43 24.89 -4.50 -10.72
C THR A 43 25.55 -5.81 -11.13
N GLN A 44 26.08 -5.83 -12.35
CA GLN A 44 26.89 -6.97 -12.78
C GLN A 44 28.10 -7.15 -11.86
N ASP A 45 28.67 -6.05 -11.38
CA ASP A 45 29.73 -6.07 -10.39
C ASP A 45 29.25 -6.52 -9.01
N GLY A 46 27.97 -6.78 -8.86
CA GLY A 46 27.46 -7.36 -7.62
C GLY A 46 27.31 -6.40 -6.47
N GLU A 47 27.02 -5.12 -6.74
CA GLU A 47 26.62 -4.22 -5.67
C GLU A 47 25.10 -3.99 -5.71
N THR A 48 24.55 -3.63 -4.55
CA THR A 48 23.14 -3.33 -4.38
C THR A 48 22.98 -1.82 -4.21
N LEU A 49 22.36 -1.19 -5.20
CA LEU A 49 22.11 0.25 -5.19
C LEU A 49 20.65 0.53 -4.84
N VAL A 50 20.45 1.55 -4.00
CA VAL A 50 19.14 1.99 -3.57
C VAL A 50 19.03 3.48 -3.86
N GLY A 51 17.91 3.91 -4.45
CA GLY A 51 17.63 5.32 -4.58
C GLY A 51 18.19 5.94 -5.84
N GLN A 52 18.68 7.17 -5.76
CA GLN A 52 19.12 7.86 -6.98
C GLN A 52 20.21 7.14 -7.75
N PRO A 53 21.24 6.53 -7.12
CA PRO A 53 22.18 5.72 -7.92
C PRO A 53 21.52 4.55 -8.63
N ALA A 54 20.52 3.90 -8.04
CA ALA A 54 19.81 2.89 -8.81
C ALA A 54 19.09 3.52 -9.98
N LYS A 55 18.45 4.66 -9.74
CA LYS A 55 17.64 5.28 -10.78
C LYS A 55 18.46 5.63 -12.00
N ARG A 56 19.67 6.20 -11.80
CA ARG A 56 20.35 6.78 -12.94
C ARG A 56 20.99 5.74 -13.87
N GLN A 57 21.13 4.48 -13.44
CA GLN A 57 21.61 3.41 -14.31
C GLN A 57 20.50 2.47 -14.79
N ALA A 58 19.22 2.82 -14.57
CA ALA A 58 18.15 1.93 -15.01
C ALA A 58 18.13 1.76 -16.52
N VAL A 59 18.54 2.78 -17.27
CA VAL A 59 18.41 2.70 -18.72
C VAL A 59 19.45 1.74 -19.30
N THR A 60 20.55 1.50 -18.60
CA THR A 60 21.53 0.54 -19.08
C THR A 60 21.36 -0.84 -18.47
N ASN A 61 20.49 -0.99 -17.47
CA ASN A 61 20.37 -2.23 -16.76
C ASN A 61 18.90 -2.44 -16.35
N PRO A 62 17.96 -2.38 -17.29
CA PRO A 62 16.54 -2.40 -16.88
C PRO A 62 16.11 -3.71 -16.26
N GLN A 63 16.72 -4.83 -16.63
CA GLN A 63 16.22 -6.13 -16.20
C GLN A 63 16.52 -6.37 -14.73
N ASN A 64 17.54 -5.72 -14.17
CA ASN A 64 17.91 -5.92 -12.76
C ASN A 64 17.75 -4.65 -11.93
N THR A 65 16.95 -3.70 -12.41
CA THR A 65 16.60 -2.49 -11.65
C THR A 65 15.15 -2.66 -11.19
N LEU A 66 14.97 -2.91 -9.90
CA LEU A 66 13.64 -3.18 -9.38
C LEU A 66 12.97 -1.87 -8.94
N PHE A 67 11.68 -1.74 -9.28
CA PHE A 67 10.90 -0.56 -8.97
C PHE A 67 9.42 -0.95 -8.90
N ALA A 68 8.63 -0.10 -8.24
CA ALA A 68 7.18 -0.30 -8.11
C ALA A 68 6.86 -1.64 -7.42
N ILE A 69 7.77 -2.10 -6.55
CA ILE A 69 7.59 -3.33 -5.82
C ILE A 69 6.45 -3.23 -4.83
N LYS A 70 6.07 -2.03 -4.41
CA LYS A 70 4.89 -1.85 -3.57
C LYS A 70 3.63 -2.32 -4.29
N ARG A 71 3.68 -2.45 -5.62
CA ARG A 71 2.55 -2.95 -6.38
C ARG A 71 2.55 -4.46 -6.46
N LEU A 72 3.56 -5.13 -5.88
CA LEU A 72 3.59 -6.59 -5.81
C LEU A 72 3.56 -7.12 -4.40
N ILE A 73 4.00 -6.34 -3.41
CA ILE A 73 4.23 -6.87 -2.08
C ILE A 73 2.94 -7.42 -1.50
N GLY A 74 3.00 -8.62 -0.92
CA GLY A 74 1.81 -9.29 -0.41
C GLY A 74 0.79 -9.74 -1.42
N ARG A 75 1.15 -9.83 -2.71
CA ARG A 75 0.19 -10.26 -3.72
C ARG A 75 0.45 -11.69 -4.16
N ARG A 76 -0.62 -12.37 -4.56
CA ARG A 76 -0.51 -13.68 -5.18
C ARG A 76 -0.03 -13.53 -6.61
N PHE A 77 0.74 -14.52 -7.08
CA PHE A 77 1.20 -14.50 -8.47
C PHE A 77 0.05 -14.49 -9.46
N GLN A 78 -1.10 -15.07 -9.10
CA GLN A 78 -2.23 -15.20 -10.01
C GLN A 78 -3.16 -14.02 -9.97
N ASP A 79 -2.87 -13.02 -9.13
N ASP A 79 -2.88 -13.02 -9.13
CA ASP A 79 -3.60 -11.76 -9.13
CA ASP A 79 -3.68 -11.81 -9.10
C ASP A 79 -3.65 -11.19 -10.54
C ASP A 79 -3.66 -11.14 -10.47
N GLU A 80 -4.84 -10.71 -10.94
CA GLU A 80 -4.98 -10.14 -12.27
C GLU A 80 -4.04 -8.97 -12.47
N GLU A 81 -3.83 -8.15 -11.43
CA GLU A 81 -2.90 -7.04 -11.56
C GLU A 81 -1.49 -7.54 -11.80
N VAL A 82 -1.07 -8.58 -11.07
CA VAL A 82 0.27 -9.13 -11.22
C VAL A 82 0.44 -9.75 -12.60
N GLN A 83 -0.60 -10.40 -13.11
CA GLN A 83 -0.50 -11.02 -14.42
C GLN A 83 -0.33 -9.98 -15.51
N ARG A 84 -1.02 -8.86 -15.39
CA ARG A 84 -0.78 -7.77 -16.32
C ARG A 84 0.66 -7.25 -16.22
N ASP A 85 1.14 -6.99 -14.99
CA ASP A 85 2.47 -6.40 -14.86
C ASP A 85 3.59 -7.34 -15.29
N VAL A 86 3.35 -8.65 -15.30
CA VAL A 86 4.37 -9.60 -15.72
C VAL A 86 4.84 -9.28 -17.14
N SER A 87 3.92 -8.97 -18.04
CA SER A 87 4.29 -8.60 -19.39
C SER A 87 4.86 -7.19 -19.46
N ILE A 88 4.50 -6.32 -18.54
CA ILE A 88 4.88 -4.91 -18.66
C ILE A 88 6.26 -4.63 -18.07
N MET A 89 6.60 -5.25 -16.95
CA MET A 89 7.80 -4.86 -16.23
C MET A 89 9.06 -5.36 -16.95
N PRO A 90 10.17 -4.62 -16.84
CA PRO A 90 11.44 -5.11 -17.39
C PRO A 90 12.08 -6.22 -16.56
N PHE A 91 11.80 -6.31 -15.26
CA PHE A 91 12.39 -7.36 -14.44
C PHE A 91 11.45 -8.58 -14.37
N LYS A 92 12.00 -9.71 -13.92
CA LYS A 92 11.35 -11.01 -14.00
C LYS A 92 10.49 -11.27 -12.78
N ILE A 93 9.17 -11.38 -12.99
CA ILE A 93 8.21 -11.69 -11.93
C ILE A 93 7.85 -13.18 -12.05
N ILE A 94 7.95 -13.89 -10.92
CA ILE A 94 7.72 -15.33 -10.89
C ILE A 94 6.85 -15.69 -9.69
N ALA A 95 6.40 -16.94 -9.71
CA ALA A 95 5.63 -17.53 -8.62
C ALA A 95 6.57 -18.15 -7.59
N ALA A 96 6.41 -17.76 -6.33
CA ALA A 96 7.09 -18.47 -5.25
C ALA A 96 6.39 -19.80 -5.01
N ASP A 97 7.01 -20.61 -4.14
CA ASP A 97 6.51 -21.95 -3.89
C ASP A 97 5.11 -21.93 -3.30
N ASN A 98 4.79 -20.93 -2.49
CA ASN A 98 3.45 -20.83 -1.93
C ASN A 98 2.48 -20.11 -2.85
N GLY A 99 2.91 -19.72 -4.06
CA GLY A 99 2.03 -19.03 -4.99
C GLY A 99 2.04 -17.52 -4.92
N ASP A 100 2.83 -16.92 -4.04
CA ASP A 100 2.93 -15.47 -3.97
C ASP A 100 3.73 -14.93 -5.15
N ALA A 101 3.51 -13.65 -5.47
CA ALA A 101 4.30 -13.00 -6.51
C ALA A 101 5.69 -12.69 -5.97
N TRP A 102 6.73 -13.15 -6.67
CA TRP A 102 8.13 -12.93 -6.30
C TRP A 102 8.88 -12.39 -7.51
N VAL A 103 10.17 -12.12 -7.36
CA VAL A 103 11.01 -11.52 -8.40
C VAL A 103 12.33 -12.28 -8.50
N GLU A 104 12.80 -12.52 -9.72
CA GLU A 104 14.06 -13.24 -9.94
C GLU A 104 15.09 -12.29 -10.54
N VAL A 105 16.22 -12.11 -9.85
CA VAL A 105 17.32 -11.27 -10.32
C VAL A 105 18.59 -12.11 -10.38
N LYS A 106 19.20 -12.18 -11.55
CA LYS A 106 20.45 -12.92 -11.75
C LYS A 106 20.34 -14.33 -11.17
N GLY A 107 19.24 -15.00 -11.51
CA GLY A 107 19.01 -16.36 -11.11
C GLY A 107 18.44 -16.56 -9.71
N GLN A 108 18.47 -15.54 -8.86
CA GLN A 108 18.04 -15.68 -7.47
C GLN A 108 16.61 -15.15 -7.27
N LYS A 109 15.78 -15.94 -6.62
CA LYS A 109 14.38 -15.61 -6.39
C LYS A 109 14.23 -14.82 -5.10
N MET A 110 13.49 -13.72 -5.14
CA MET A 110 13.44 -12.81 -4.02
C MET A 110 12.00 -12.43 -3.69
N ALA A 111 11.68 -12.43 -2.40
CA ALA A 111 10.40 -11.96 -1.88
C ALA A 111 10.37 -10.44 -1.85
N PRO A 112 9.25 -9.84 -2.25
CA PRO A 112 9.16 -8.37 -2.25
C PRO A 112 9.52 -7.77 -0.90
N PRO A 113 9.18 -8.40 0.24
CA PRO A 113 9.65 -7.82 1.51
C PRO A 113 11.16 -7.70 1.59
N GLN A 114 11.93 -8.58 0.93
CA GLN A 114 13.38 -8.46 0.93
C GLN A 114 13.82 -7.20 0.21
N ILE A 115 13.23 -6.99 -0.97
CA ILE A 115 13.58 -5.84 -1.80
C ILE A 115 13.18 -4.55 -1.11
N SER A 116 11.93 -4.46 -0.67
CA SER A 116 11.49 -3.26 0.05
C SER A 116 12.34 -3.03 1.29
N ALA A 117 12.88 -4.10 1.88
CA ALA A 117 13.78 -3.95 3.01
C ALA A 117 15.03 -3.18 2.64
N GLU A 118 15.48 -3.31 1.39
CA GLU A 118 16.60 -2.48 0.94
C GLU A 118 16.25 -0.99 1.01
N VAL A 119 15.03 -0.63 0.60
CA VAL A 119 14.65 0.78 0.71
C VAL A 119 14.55 1.18 2.17
N LEU A 120 13.92 0.34 2.99
CA LEU A 120 13.78 0.63 4.41
C LEU A 120 15.16 0.75 5.07
N LYS A 121 16.12 -0.07 4.62
CA LYS A 121 17.47 -0.03 5.17
C LYS A 121 18.12 1.32 4.91
N LYS A 122 18.02 1.81 3.67
CA LYS A 122 18.50 3.14 3.34
C LYS A 122 17.86 4.20 4.23
N MET A 123 16.53 4.14 4.40
CA MET A 123 15.86 5.13 5.22
C MET A 123 16.33 5.00 6.67
N LYS A 124 16.57 3.77 7.11
CA LYS A 124 17.07 3.54 8.47
C LYS A 124 18.46 4.16 8.65
N LYS A 125 19.35 3.92 7.68
CA LYS A 125 20.69 4.49 7.74
C LYS A 125 20.65 6.02 7.67
N THR A 126 19.74 6.57 6.85
CA THR A 126 19.63 8.01 6.77
C THR A 126 19.35 8.61 8.14
N ALA A 127 18.47 7.97 8.92
CA ALA A 127 18.17 8.49 10.25
C ALA A 127 19.34 8.31 11.19
N GLU A 128 20.04 7.18 11.07
CA GLU A 128 21.17 6.92 11.95
C GLU A 128 22.28 7.95 11.72
N ASP A 129 22.62 8.20 10.45
CA ASP A 129 23.59 9.24 10.11
C ASP A 129 23.18 10.58 10.70
N TYR A 130 21.88 10.89 10.66
CA TYR A 130 21.44 12.16 11.19
C TYR A 130 21.53 12.19 12.70
N LEU A 131 21.09 11.11 13.35
CA LEU A 131 21.00 11.07 14.80
C LEU A 131 22.31 10.66 15.46
N GLY A 132 23.24 10.07 14.71
CA GLY A 132 24.47 9.59 15.30
C GLY A 132 24.26 8.52 16.35
N GLU A 133 23.25 7.67 16.17
CA GLU A 133 23.04 6.51 17.02
C GLU A 133 22.22 5.50 16.23
N PRO A 134 22.28 4.22 16.59
CA PRO A 134 21.49 3.23 15.84
C PRO A 134 20.01 3.43 16.07
N VAL A 135 19.24 3.09 15.04
CA VAL A 135 17.78 3.08 15.09
C VAL A 135 17.31 1.65 14.93
N THR A 136 16.42 1.21 15.82
CA THR A 136 15.85 -0.13 15.75
C THR A 136 14.33 -0.18 15.75
N GLU A 137 13.65 0.97 15.86
CA GLU A 137 12.21 1.01 15.94
C GLU A 137 11.68 2.01 14.91
N ALA A 138 10.49 1.71 14.38
CA ALA A 138 9.92 2.52 13.29
C ALA A 138 8.42 2.34 13.24
N VAL A 139 7.76 3.41 12.78
CA VAL A 139 6.40 3.36 12.24
C VAL A 139 6.55 3.35 10.72
N ILE A 140 5.90 2.40 10.06
CA ILE A 140 5.93 2.31 8.61
C ILE A 140 4.52 2.49 8.07
N THR A 141 4.41 3.15 6.91
CA THR A 141 3.13 3.50 6.31
C THR A 141 2.71 2.46 5.29
N VAL A 142 1.39 2.30 5.16
CA VAL A 142 0.79 1.53 4.07
C VAL A 142 -0.45 2.24 3.60
N PRO A 143 -0.83 2.01 2.35
CA PRO A 143 -2.12 2.55 1.86
C PRO A 143 -3.27 2.07 2.73
N ALA A 144 -4.22 2.98 2.97
CA ALA A 144 -5.38 2.64 3.80
C ALA A 144 -6.09 1.42 3.26
N TYR A 145 -6.12 1.28 1.93
CA TYR A 145 -6.84 0.20 1.27
C TYR A 145 -6.00 -1.06 1.11
N PHE A 146 -4.79 -1.09 1.68
CA PHE A 146 -4.00 -2.32 1.71
C PHE A 146 -4.80 -3.41 2.42
N ASN A 147 -4.74 -4.61 1.87
CA ASN A 147 -5.43 -5.75 2.47
C ASN A 147 -4.53 -6.37 3.54
N ASP A 148 -4.97 -7.50 4.09
CA ASP A 148 -4.25 -8.15 5.19
C ASP A 148 -2.86 -8.62 4.76
N ALA A 149 -2.77 -9.28 3.60
CA ALA A 149 -1.50 -9.83 3.19
C ALA A 149 -0.49 -8.71 2.92
N GLN A 150 -0.96 -7.63 2.31
CA GLN A 150 -0.09 -6.51 1.99
C GLN A 150 0.46 -5.85 3.24
N ARG A 151 -0.40 -5.69 4.26
CA ARG A 151 0.08 -5.16 5.54
C ARG A 151 1.13 -6.07 6.16
N GLN A 152 0.85 -7.38 6.20
CA GLN A 152 1.77 -8.31 6.84
C GLN A 152 3.11 -8.35 6.10
N ALA A 153 3.08 -8.33 4.76
CA ALA A 153 4.35 -8.38 4.03
C ALA A 153 5.15 -7.10 4.20
N THR A 154 4.47 -5.96 4.39
CA THR A 154 5.20 -4.73 4.66
C THR A 154 5.83 -4.78 6.06
N LYS A 155 5.08 -5.28 7.04
CA LYS A 155 5.63 -5.47 8.38
C LYS A 155 6.84 -6.41 8.34
N ASP A 156 6.79 -7.45 7.49
CA ASP A 156 7.96 -8.31 7.34
C ASP A 156 9.14 -7.53 6.80
N ALA A 157 8.88 -6.69 5.79
CA ALA A 157 9.95 -5.91 5.17
C ALA A 157 10.71 -5.12 6.22
N GLY A 158 9.98 -4.53 7.17
CA GLY A 158 10.65 -3.80 8.24
C GLY A 158 11.48 -4.68 9.15
N ARG A 159 10.97 -5.88 9.45
CA ARG A 159 11.76 -6.81 10.27
C ARG A 159 13.02 -7.25 9.54
N ILE A 160 12.91 -7.57 8.25
CA ILE A 160 14.07 -7.91 7.44
C ILE A 160 15.08 -6.76 7.42
N ALA A 161 14.62 -5.53 7.54
CA ALA A 161 15.53 -4.39 7.53
C ALA A 161 16.10 -4.08 8.91
N GLY A 162 15.82 -4.90 9.91
CA GLY A 162 16.35 -4.65 11.24
C GLY A 162 15.51 -3.71 12.07
N LEU A 163 14.28 -3.45 11.66
CA LEU A 163 13.41 -2.54 12.38
C LEU A 163 12.34 -3.33 13.13
N GLU A 164 12.10 -2.94 14.36
CA GLU A 164 10.90 -3.38 15.04
C GLU A 164 9.77 -2.45 14.63
N VAL A 165 8.76 -3.02 13.94
CA VAL A 165 7.66 -2.21 13.42
C VAL A 165 6.67 -1.93 14.54
N LYS A 166 6.80 -0.77 15.19
CA LYS A 166 5.92 -0.45 16.31
C LYS A 166 4.51 -0.15 15.87
N ARG A 167 4.28 0.24 14.62
CA ARG A 167 2.94 0.48 14.13
CA ARG A 167 2.94 0.47 14.13
C ARG A 167 2.98 0.53 12.61
N ILE A 168 2.00 -0.10 11.99
CA ILE A 168 1.73 0.10 10.58
C ILE A 168 0.60 1.11 10.54
N ILE A 169 0.86 2.28 9.95
CA ILE A 169 -0.12 3.37 9.95
C ILE A 169 -0.63 3.57 8.54
N ASN A 170 -1.94 3.71 8.40
CA ASN A 170 -2.52 3.95 7.08
C ASN A 170 -2.17 5.36 6.60
N GLU A 171 -1.81 5.45 5.31
CA GLU A 171 -1.24 6.70 4.81
C GLU A 171 -2.14 7.93 4.93
N PRO A 172 -3.44 7.88 4.61
CA PRO A 172 -4.26 9.09 4.87
C PRO A 172 -4.31 9.46 6.33
N THR A 173 -4.24 8.48 7.23
CA THR A 173 -4.29 8.77 8.66
C THR A 173 -3.04 9.49 9.12
N ALA A 174 -1.88 9.04 8.63
CA ALA A 174 -0.64 9.79 8.85
C ALA A 174 -0.74 11.21 8.32
N ALA A 175 -1.29 11.39 7.11
CA ALA A 175 -1.42 12.74 6.57
C ALA A 175 -2.32 13.59 7.44
N ALA A 176 -3.37 12.99 8.01
CA ALA A 176 -4.26 13.74 8.88
C ALA A 176 -3.58 14.16 10.17
N LEU A 177 -2.78 13.26 10.77
CA LEU A 177 -1.97 13.63 11.93
C LEU A 177 -1.07 14.83 11.62
N ALA A 178 -0.34 14.78 10.51
CA ALA A 178 0.55 15.88 10.16
C ALA A 178 -0.23 17.17 9.98
N TYR A 179 -1.36 17.09 9.29
CA TYR A 179 -2.16 18.29 9.04
C TYR A 179 -2.77 18.85 10.32
N GLY A 180 -3.22 17.98 11.23
CA GLY A 180 -4.04 18.42 12.34
C GLY A 180 -3.32 18.72 13.63
N LEU A 181 -2.05 18.33 13.76
CA LEU A 181 -1.28 18.73 14.93
C LEU A 181 -1.17 20.24 15.03
N ASP A 182 -0.94 20.91 13.89
CA ASP A 182 -0.89 22.38 13.84
C ASP A 182 -2.18 23.03 14.31
N LYS A 183 -3.27 22.81 13.57
CA LYS A 183 -4.52 23.54 13.76
C LYS A 183 -5.01 23.45 15.21
N GLY A 184 -5.80 24.44 15.62
CA GLY A 184 -6.14 24.59 17.03
C GLY A 184 -7.40 23.88 17.49
N THR A 185 -8.15 24.53 18.37
CA THR A 185 -9.35 23.96 18.99
C THR A 185 -10.57 24.21 18.11
N GLY A 186 -10.57 23.55 16.95
CA GLY A 186 -11.70 23.58 16.05
C GLY A 186 -12.06 22.21 15.52
N ASN A 187 -13.28 21.75 15.78
CA ASN A 187 -13.75 20.49 15.22
C ASN A 187 -13.80 20.59 13.70
N ARG A 188 -13.25 19.58 13.02
CA ARG A 188 -13.12 19.57 11.57
C ARG A 188 -13.40 18.17 11.05
N THR A 189 -14.06 18.10 9.89
CA THR A 189 -14.19 16.86 9.14
C THR A 189 -13.46 17.03 7.82
N ILE A 190 -12.53 16.12 7.53
CA ILE A 190 -11.67 16.30 6.37
C ILE A 190 -11.79 15.08 5.46
N ALA A 191 -11.58 15.33 4.17
CA ALA A 191 -11.40 14.29 3.17
C ALA A 191 -9.94 14.32 2.72
N VAL A 192 -9.24 13.20 2.84
CA VAL A 192 -7.86 13.08 2.42
C VAL A 192 -7.83 12.23 1.17
N TYR A 193 -7.46 12.85 0.06
CA TYR A 193 -7.39 12.21 -1.25
C TYR A 193 -5.91 12.05 -1.60
N ASP A 194 -5.42 10.82 -1.55
CA ASP A 194 -3.99 10.50 -1.73
C ASP A 194 -3.82 9.69 -3.01
N LEU A 195 -3.37 10.35 -4.07
CA LEU A 195 -3.04 9.70 -5.32
C LEU A 195 -1.52 9.76 -5.53
N GLY A 196 -0.88 8.59 -5.55
CA GLY A 196 0.56 8.48 -5.57
C GLY A 196 1.07 7.90 -6.87
N GLY A 197 2.27 7.32 -6.77
CA GLY A 197 2.81 6.62 -7.93
C GLY A 197 2.14 5.28 -8.18
N GLY A 198 1.63 4.63 -7.13
CA GLY A 198 1.05 3.30 -7.29
C GLY A 198 -0.34 3.06 -6.74
N ALA A 199 -0.75 3.81 -5.70
CA ALA A 199 -1.99 3.55 -5.00
C ALA A 199 -2.83 4.81 -4.90
N PHE A 200 -4.11 4.61 -4.62
CA PHE A 200 -5.04 5.69 -4.41
C PHE A 200 -5.88 5.38 -3.18
N ASP A 201 -5.97 6.35 -2.26
CA ASP A 201 -6.82 6.23 -1.07
C ASP A 201 -7.71 7.44 -1.00
N ILE A 202 -8.89 7.25 -0.42
CA ILE A 202 -9.73 8.34 0.05
C ILE A 202 -10.16 7.98 1.46
N SER A 203 -9.96 8.90 2.41
CA SER A 203 -10.40 8.69 3.78
C SER A 203 -11.17 9.89 4.26
N ILE A 204 -12.22 9.64 5.02
CA ILE A 204 -13.02 10.69 5.64
C ILE A 204 -12.70 10.63 7.11
N ILE A 205 -12.23 11.73 7.65
CA ILE A 205 -11.63 11.73 8.99
C ILE A 205 -12.14 12.92 9.77
N GLU A 206 -12.56 12.68 11.02
CA GLU A 206 -12.98 13.74 11.90
C GLU A 206 -11.86 14.03 12.90
N ILE A 207 -11.58 15.32 13.09
CA ILE A 207 -10.61 15.78 14.07
C ILE A 207 -11.36 16.61 15.10
N ASP A 208 -11.53 16.05 16.30
CA ASP A 208 -12.23 16.74 17.37
C ASP A 208 -11.31 16.91 18.57
N GLU A 209 -11.52 18.01 19.29
CA GLU A 209 -10.75 18.34 20.48
C GLU A 209 -11.72 18.33 21.67
N VAL A 210 -11.58 17.33 22.54
CA VAL A 210 -12.58 17.13 23.59
C VAL A 210 -12.48 18.21 24.65
N ASP A 211 -11.36 18.27 25.37
CA ASP A 211 -10.95 19.51 26.07
C ASP A 211 -9.43 19.43 26.19
N GLY A 212 -8.73 20.01 25.22
CA GLY A 212 -7.29 19.95 25.14
C GLY A 212 -6.72 18.77 24.37
N GLU A 213 -7.48 17.66 24.25
CA GLU A 213 -7.01 16.45 23.57
C GLU A 213 -7.62 16.36 22.19
N LYS A 214 -6.78 16.25 21.15
CA LYS A 214 -7.24 16.03 19.80
C LYS A 214 -7.51 14.54 19.57
N THR A 215 -8.69 14.23 19.03
CA THR A 215 -9.05 12.88 18.61
C THR A 215 -9.12 12.86 17.09
N PHE A 216 -8.45 11.88 16.49
CA PHE A 216 -8.49 11.65 15.05
C PHE A 216 -9.27 10.36 14.81
N GLU A 217 -10.41 10.48 14.14
CA GLU A 217 -11.27 9.33 13.91
C GLU A 217 -11.53 9.19 12.42
N VAL A 218 -11.07 8.09 11.84
CA VAL A 218 -11.47 7.74 10.49
C VAL A 218 -12.92 7.30 10.50
N LEU A 219 -13.76 8.01 9.74
CA LEU A 219 -15.16 7.63 9.56
C LEU A 219 -15.31 6.54 8.51
N ALA A 220 -14.61 6.69 7.38
CA ALA A 220 -14.66 5.71 6.32
C ALA A 220 -13.41 5.83 5.47
N THR A 221 -13.09 4.76 4.76
CA THR A 221 -12.00 4.80 3.82
C THR A 221 -12.35 3.93 2.63
N ASN A 222 -11.66 4.19 1.52
CA ASN A 222 -11.84 3.45 0.28
C ASN A 222 -10.61 3.72 -0.57
N GLY A 223 -10.56 3.08 -1.73
CA GLY A 223 -9.52 3.44 -2.67
C GLY A 223 -9.28 2.32 -3.66
N ASP A 224 -8.03 2.26 -4.13
CA ASP A 224 -7.61 1.28 -5.11
C ASP A 224 -6.10 1.16 -4.99
N THR A 225 -5.62 0.02 -4.47
CA THR A 225 -4.20 -0.17 -4.21
C THR A 225 -3.37 -0.34 -5.48
N HIS A 226 -3.97 -0.34 -6.66
CA HIS A 226 -3.26 -0.48 -7.93
C HIS A 226 -3.74 0.57 -8.92
N LEU A 227 -3.82 1.82 -8.46
CA LEU A 227 -4.18 2.94 -9.31
C LEU A 227 -3.26 4.09 -8.93
N GLY A 228 -2.48 4.58 -9.89
CA GLY A 228 -1.45 5.54 -9.54
C GLY A 228 -0.73 6.07 -10.75
N GLY A 229 0.25 6.94 -10.48
CA GLY A 229 0.95 7.61 -11.57
C GLY A 229 1.63 6.66 -12.54
N GLU A 230 2.06 5.48 -12.04
CA GLU A 230 2.57 4.45 -12.95
C GLU A 230 1.56 4.17 -14.05
N ASP A 231 0.27 4.23 -13.72
CA ASP A 231 -0.75 4.00 -14.74
C ASP A 231 -0.90 5.20 -15.66
N PHE A 232 -0.73 6.42 -15.14
CA PHE A 232 -0.70 7.58 -16.02
C PHE A 232 0.45 7.48 -17.01
N ASP A 233 1.65 7.10 -16.52
CA ASP A 233 2.81 6.97 -17.40
C ASP A 233 2.56 5.91 -18.46
N SER A 234 2.01 4.76 -18.05
CA SER A 234 1.77 3.67 -19.00
C SER A 234 0.87 4.11 -20.14
N ARG A 235 -0.18 4.87 -19.84
CA ARG A 235 -1.01 5.39 -20.91
C ARG A 235 -0.22 6.27 -21.86
N LEU A 236 0.68 7.11 -21.33
CA LEU A 236 1.47 7.96 -22.23
C LEU A 236 2.48 7.12 -23.01
N ILE A 237 3.07 6.11 -22.36
CA ILE A 237 4.04 5.25 -23.03
C ILE A 237 3.40 4.54 -24.22
N ASN A 238 2.18 4.00 -24.02
CA ASN A 238 1.53 3.26 -25.09
C ASN A 238 1.22 4.17 -26.26
N TYR A 239 0.80 5.41 -25.99
CA TYR A 239 0.55 6.35 -27.07
C TYR A 239 1.82 6.67 -27.83
N LEU A 240 2.93 6.87 -27.10
CA LEU A 240 4.20 7.13 -27.78
C LEU A 240 4.65 5.90 -28.58
N VAL A 241 4.47 4.70 -28.02
CA VAL A 241 4.79 3.50 -28.77
C VAL A 241 3.95 3.41 -30.03
N GLU A 242 2.64 3.70 -29.93
CA GLU A 242 1.75 3.64 -31.08
C GLU A 242 2.10 4.71 -32.12
N GLU A 243 2.36 5.94 -31.68
CA GLU A 243 2.64 7.00 -32.64
C GLU A 243 3.95 6.73 -33.36
N PHE A 244 4.94 6.20 -32.65
CA PHE A 244 6.20 5.89 -33.30
C PHE A 244 6.03 4.74 -34.28
N LYS A 245 5.22 3.74 -33.92
CA LYS A 245 5.00 2.63 -34.83
C LYS A 245 4.30 3.10 -36.09
N LYS A 246 3.32 4.00 -35.96
CA LYS A 246 2.55 4.44 -37.11
C LYS A 246 3.43 5.12 -38.14
N ASP A 247 4.22 6.12 -37.74
CA ASP A 247 4.97 6.88 -38.73
C ASP A 247 6.44 6.49 -38.80
N GLN A 248 6.82 5.34 -38.23
CA GLN A 248 8.14 4.76 -38.47
C GLN A 248 8.14 3.25 -38.69
N GLY A 249 7.02 2.54 -38.50
CA GLY A 249 6.98 1.13 -38.77
C GLY A 249 7.80 0.27 -37.84
N ILE A 250 8.18 0.77 -36.66
CA ILE A 250 8.95 -0.01 -35.69
C ILE A 250 8.17 -0.08 -34.39
N ASP A 251 8.11 -1.28 -33.82
CA ASP A 251 7.44 -1.52 -32.54
C ASP A 251 8.52 -1.57 -31.47
N LEU A 252 8.55 -0.55 -30.62
CA LEU A 252 9.64 -0.44 -29.66
C LEU A 252 9.52 -1.43 -28.51
N ARG A 253 8.39 -2.11 -28.37
CA ARG A 253 8.20 -3.00 -27.22
C ARG A 253 9.13 -4.20 -27.25
N ASN A 254 9.71 -4.56 -28.40
CA ASN A 254 10.73 -5.62 -28.43
C ASN A 254 12.03 -5.21 -27.76
N ASP A 255 12.21 -3.93 -27.45
CA ASP A 255 13.51 -3.36 -27.10
C ASP A 255 13.46 -2.90 -25.66
N PRO A 256 13.93 -3.71 -24.71
CA PRO A 256 13.82 -3.31 -23.30
C PRO A 256 14.57 -2.03 -22.98
N LEU A 257 15.73 -1.82 -23.62
CA LEU A 257 16.49 -0.61 -23.37
C LEU A 257 15.77 0.63 -23.89
N ALA A 258 15.22 0.56 -25.10
CA ALA A 258 14.42 1.69 -25.59
C ALA A 258 13.22 1.93 -24.70
N MET A 259 12.54 0.85 -24.25
CA MET A 259 11.36 1.03 -23.41
C MET A 259 11.70 1.65 -22.05
N GLN A 260 12.86 1.33 -21.47
CA GLN A 260 13.26 2.05 -20.26
C GLN A 260 13.45 3.53 -20.54
N ARG A 261 14.12 3.87 -21.66
CA ARG A 261 14.24 5.28 -22.03
C ARG A 261 12.88 5.92 -22.25
N LEU A 262 11.97 5.18 -22.89
CA LEU A 262 10.66 5.72 -23.17
C LEU A 262 9.86 5.95 -21.89
N LYS A 263 9.94 5.02 -20.94
CA LYS A 263 9.27 5.19 -19.67
C LYS A 263 9.77 6.45 -18.96
N GLU A 264 11.08 6.69 -18.98
CA GLU A 264 11.59 7.88 -18.30
C GLU A 264 11.18 9.16 -19.03
N ALA A 265 11.19 9.17 -20.36
CA ALA A 265 10.79 10.37 -21.07
C ALA A 265 9.30 10.65 -20.89
N ALA A 266 8.48 9.60 -20.87
CA ALA A 266 7.05 9.79 -20.71
C ALA A 266 6.73 10.38 -19.34
N GLU A 267 7.36 9.87 -18.28
CA GLU A 267 7.11 10.44 -16.96
C GLU A 267 7.58 11.88 -16.87
N LYS A 268 8.75 12.19 -17.44
CA LYS A 268 9.20 13.58 -17.49
C LYS A 268 8.21 14.47 -18.23
N ALA A 269 7.74 14.02 -19.39
CA ALA A 269 6.78 14.81 -20.16
C ALA A 269 5.47 15.03 -19.40
N LYS A 270 4.93 13.96 -18.82
CA LYS A 270 3.74 14.05 -17.98
C LYS A 270 3.90 15.14 -16.92
N ILE A 271 5.04 15.14 -16.23
CA ILE A 271 5.27 16.09 -15.16
C ILE A 271 5.33 17.52 -15.71
N GLU A 272 6.12 17.74 -16.76
CA GLU A 272 6.18 19.07 -17.37
C GLU A 272 4.80 19.57 -17.77
N LEU A 273 3.90 18.66 -18.18
CA LEU A 273 2.55 19.04 -18.59
C LEU A 273 1.67 19.45 -17.42
N SER A 274 2.11 19.31 -16.18
CA SER A 274 1.33 19.87 -15.08
C SER A 274 1.46 21.40 -14.97
N SER A 275 2.46 22.01 -15.59
CA SER A 275 2.56 23.47 -15.60
C SER A 275 2.69 24.07 -17.00
N ALA A 276 2.89 23.25 -18.02
CA ALA A 276 2.99 23.74 -19.38
C ALA A 276 1.82 23.20 -20.19
N GLN A 277 1.55 23.86 -21.31
CA GLN A 277 0.50 23.41 -22.22
C GLN A 277 0.99 22.41 -23.25
N GLN A 278 2.31 22.26 -23.40
CA GLN A 278 2.83 21.37 -24.42
C GLN A 278 4.30 21.11 -24.12
N THR A 279 4.79 19.98 -24.61
CA THR A 279 6.19 19.63 -24.45
C THR A 279 6.56 18.58 -25.47
N ASP A 280 7.86 18.31 -25.59
CA ASP A 280 8.42 17.44 -26.61
C ASP A 280 9.11 16.26 -25.96
N VAL A 281 8.83 15.06 -26.46
CA VAL A 281 9.63 13.88 -26.15
C VAL A 281 10.70 13.78 -27.24
N ASN A 282 11.96 13.95 -26.86
CA ASN A 282 13.10 13.82 -27.79
C ASN A 282 14.01 12.70 -27.30
N LEU A 283 14.02 11.59 -28.03
CA LEU A 283 14.93 10.49 -27.74
C LEU A 283 15.78 10.22 -28.97
N PRO A 284 17.00 10.75 -29.03
CA PRO A 284 17.88 10.44 -30.17
C PRO A 284 18.33 8.99 -30.12
N TYR A 285 18.47 8.39 -31.30
CA TYR A 285 18.97 7.04 -31.45
C TYR A 285 18.16 6.07 -30.59
N ILE A 286 16.83 6.22 -30.67
CA ILE A 286 15.97 5.36 -29.88
C ILE A 286 16.01 3.94 -30.42
N THR A 287 16.22 3.78 -31.73
CA THR A 287 16.34 2.48 -32.35
C THR A 287 17.11 2.63 -33.66
N ALA A 288 17.17 1.54 -34.43
CA ALA A 288 17.89 1.49 -35.70
C ALA A 288 17.32 0.34 -36.54
N ASP A 289 17.31 0.50 -37.86
CA ASP A 289 16.96 -0.61 -38.74
C ASP A 289 17.81 -0.53 -40.00
N ALA A 290 17.45 -1.33 -41.00
CA ALA A 290 18.22 -1.42 -42.24
C ALA A 290 18.38 -0.05 -42.90
N THR A 291 17.37 0.81 -42.79
CA THR A 291 17.48 2.17 -43.33
C THR A 291 18.33 3.10 -42.48
N GLY A 292 18.77 2.69 -41.28
CA GLY A 292 19.61 3.53 -40.46
C GLY A 292 19.04 3.83 -39.08
N PRO A 293 19.71 4.70 -38.33
CA PRO A 293 19.27 5.00 -36.96
C PRO A 293 17.99 5.83 -36.96
N LYS A 294 17.27 5.76 -35.83
CA LYS A 294 15.99 6.43 -35.71
C LYS A 294 15.90 7.22 -34.41
N HIS A 295 15.19 8.35 -34.48
CA HIS A 295 15.01 9.27 -33.36
C HIS A 295 13.53 9.48 -33.13
N MET A 296 13.12 9.60 -31.87
CA MET A 296 11.75 9.98 -31.56
C MET A 296 11.72 11.46 -31.21
N ASN A 297 10.85 12.20 -31.90
CA ASN A 297 10.60 13.62 -31.64
C ASN A 297 9.11 13.86 -31.83
N ILE A 298 8.36 13.98 -30.74
CA ILE A 298 6.90 14.13 -30.85
C ILE A 298 6.40 15.08 -29.79
N LYS A 299 5.57 16.03 -30.20
CA LYS A 299 4.91 16.98 -29.32
C LYS A 299 3.78 16.29 -28.56
N VAL A 300 3.72 16.50 -27.24
CA VAL A 300 2.60 16.07 -26.43
C VAL A 300 1.99 17.33 -25.82
N THR A 301 0.71 17.57 -26.11
CA THR A 301 -0.01 18.66 -25.46
C THR A 301 -0.69 18.17 -24.18
N ARG A 302 -0.92 19.11 -23.27
CA ARG A 302 -1.74 18.82 -22.09
C ARG A 302 -3.08 18.22 -22.48
N ALA A 303 -3.68 18.73 -23.56
CA ALA A 303 -4.98 18.20 -23.99
C ALA A 303 -4.88 16.73 -24.35
N LYS A 304 -3.84 16.33 -25.08
CA LYS A 304 -3.66 14.92 -25.39
C LYS A 304 -3.45 14.08 -24.13
N LEU A 305 -2.57 14.53 -23.24
CA LEU A 305 -2.38 13.82 -21.98
C LEU A 305 -3.70 13.63 -21.25
N GLU A 306 -4.51 14.69 -21.20
CA GLU A 306 -5.74 14.62 -20.43
C GLU A 306 -6.70 13.60 -21.01
N SER A 307 -6.76 13.48 -22.33
CA SER A 307 -7.65 12.47 -22.91
C SER A 307 -7.07 11.07 -22.70
N LEU A 308 -5.76 10.94 -22.61
CA LEU A 308 -5.17 9.62 -22.40
C LEU A 308 -5.45 9.07 -21.01
N VAL A 309 -5.67 9.92 -19.99
CA VAL A 309 -5.74 9.44 -18.62
C VAL A 309 -7.04 9.81 -17.92
N GLU A 310 -7.94 10.54 -18.58
CA GLU A 310 -9.17 11.00 -17.92
C GLU A 310 -9.95 9.87 -17.23
N ASP A 311 -10.03 8.69 -17.84
CA ASP A 311 -10.79 7.64 -17.16
C ASP A 311 -10.04 7.13 -15.92
N LEU A 312 -8.72 7.27 -15.88
CA LEU A 312 -8.02 6.96 -14.64
C LEU A 312 -8.43 7.94 -13.54
N VAL A 313 -8.55 9.21 -13.88
CA VAL A 313 -9.00 10.19 -12.90
C VAL A 313 -10.43 9.90 -12.46
N ASN A 314 -11.30 9.60 -13.42
CA ASN A 314 -12.69 9.25 -13.07
C ASN A 314 -12.74 7.99 -12.22
N ARG A 315 -11.83 7.05 -12.45
CA ARG A 315 -11.80 5.85 -11.60
C ARG A 315 -11.56 6.21 -10.14
N SER A 316 -10.89 7.33 -9.86
CA SER A 316 -10.70 7.75 -8.47
C SER A 316 -11.92 8.40 -7.86
N ILE A 317 -12.85 8.91 -8.68
CA ILE A 317 -14.03 9.59 -8.15
C ILE A 317 -15.04 8.58 -7.56
N GLU A 318 -15.20 7.42 -8.17
CA GLU A 318 -16.18 6.46 -7.66
C GLU A 318 -15.92 5.99 -6.23
N PRO A 319 -14.68 5.70 -5.82
CA PRO A 319 -14.47 5.45 -4.38
C PRO A 319 -14.82 6.62 -3.48
N LEU A 320 -14.70 7.87 -3.96
CA LEU A 320 -15.11 9.01 -3.15
C LEU A 320 -16.58 8.92 -2.75
N LYS A 321 -17.43 8.60 -3.72
CA LYS A 321 -18.87 8.51 -3.45
C LYS A 321 -19.16 7.43 -2.41
N VAL A 322 -18.51 6.27 -2.55
CA VAL A 322 -18.74 5.19 -1.60
C VAL A 322 -18.27 5.59 -0.23
N ALA A 323 -17.12 6.29 -0.15
CA ALA A 323 -16.62 6.71 1.17
C ALA A 323 -17.55 7.71 1.83
N LEU A 324 -18.11 8.65 1.06
CA LEU A 324 -19.06 9.58 1.66
C LEU A 324 -20.32 8.84 2.11
N GLN A 325 -20.77 7.86 1.32
CA GLN A 325 -21.91 7.02 1.71
C GLN A 325 -21.64 6.27 3.00
N ASP A 326 -20.50 5.57 3.08
CA ASP A 326 -20.19 4.84 4.31
C ASP A 326 -20.03 5.75 5.51
N ALA A 327 -19.55 6.98 5.31
CA ALA A 327 -19.51 7.90 6.43
C ALA A 327 -20.86 8.56 6.70
N GLY A 328 -21.80 8.43 5.78
CA GLY A 328 -23.08 9.10 5.95
C GLY A 328 -22.99 10.60 5.89
N LEU A 329 -22.13 11.13 5.02
CA LEU A 329 -21.96 12.57 4.88
C LEU A 329 -22.12 12.96 3.42
N SER A 330 -22.59 14.17 3.19
CA SER A 330 -22.53 14.78 1.88
C SER A 330 -21.22 15.56 1.73
N VAL A 331 -20.97 16.06 0.52
CA VAL A 331 -19.75 16.84 0.31
C VAL A 331 -19.77 18.13 1.13
N SER A 332 -20.96 18.68 1.41
CA SER A 332 -21.01 19.91 2.20
C SER A 332 -20.75 19.66 3.67
N ASP A 333 -20.77 18.42 4.13
CA ASP A 333 -20.34 18.15 5.49
C ASP A 333 -18.82 18.18 5.64
N ILE A 334 -18.08 18.28 4.54
CA ILE A 334 -16.61 18.19 4.55
C ILE A 334 -16.04 19.59 4.75
N ASP A 335 -15.33 19.80 5.85
CA ASP A 335 -14.73 21.11 6.08
C ASP A 335 -13.49 21.36 5.22
N ASP A 336 -12.62 20.36 5.03
CA ASP A 336 -11.37 20.58 4.31
C ASP A 336 -11.11 19.42 3.37
N VAL A 337 -10.74 19.73 2.13
CA VAL A 337 -10.25 18.74 1.17
C VAL A 337 -8.72 18.82 1.11
N ILE A 338 -8.07 17.69 1.33
CA ILE A 338 -6.62 17.60 1.43
C ILE A 338 -6.13 16.69 0.31
N LEU A 339 -5.27 17.24 -0.57
CA LEU A 339 -4.65 16.48 -1.65
C LEU A 339 -3.24 16.07 -1.25
N VAL A 340 -2.99 14.77 -1.22
CA VAL A 340 -1.68 14.23 -0.88
C VAL A 340 -1.18 13.44 -2.09
N GLY A 341 0.13 13.46 -2.29
CA GLY A 341 0.71 12.64 -3.35
C GLY A 341 1.07 13.40 -4.62
N GLY A 342 2.18 12.99 -5.24
CA GLY A 342 2.71 13.75 -6.36
C GLY A 342 1.76 13.84 -7.53
N GLN A 343 1.02 12.77 -7.79
CA GLN A 343 0.11 12.78 -8.93
C GLN A 343 -1.06 13.75 -8.75
N THR A 344 -1.34 14.22 -7.52
CA THR A 344 -2.36 15.26 -7.37
C THR A 344 -1.92 16.62 -7.89
N ARG A 345 -0.65 16.79 -8.26
CA ARG A 345 -0.22 18.03 -8.89
C ARG A 345 -0.75 18.19 -10.32
N MET A 346 -1.30 17.15 -10.91
CA MET A 346 -1.88 17.33 -12.23
C MET A 346 -3.10 18.27 -12.16
N PRO A 347 -3.17 19.30 -13.00
CA PRO A 347 -4.32 20.21 -12.92
C PRO A 347 -5.66 19.52 -13.08
N MET A 348 -5.78 18.54 -13.97
CA MET A 348 -7.05 17.85 -14.16
C MET A 348 -7.49 17.12 -12.89
N VAL A 349 -6.54 16.52 -12.18
CA VAL A 349 -6.89 15.88 -10.90
C VAL A 349 -7.41 16.92 -9.92
N GLN A 350 -6.67 18.03 -9.78
CA GLN A 350 -7.10 19.10 -8.89
C GLN A 350 -8.49 19.62 -9.24
N LYS A 351 -8.75 19.80 -10.54
CA LYS A 351 -10.03 20.33 -10.99
C LYS A 351 -11.18 19.35 -10.73
N LYS A 352 -10.95 18.07 -11.02
CA LYS A 352 -11.98 17.07 -10.80
C LYS A 352 -12.34 16.94 -9.32
N VAL A 353 -11.33 16.96 -8.45
CA VAL A 353 -11.59 16.82 -7.02
C VAL A 353 -12.33 18.04 -6.50
N ALA A 354 -11.88 19.23 -6.88
CA ALA A 354 -12.53 20.43 -6.38
C ALA A 354 -13.99 20.49 -6.87
N GLU A 355 -14.22 20.13 -8.13
CA GLU A 355 -15.59 20.16 -8.65
C GLU A 355 -16.48 19.19 -7.89
N PHE A 356 -15.98 18.00 -7.59
CA PHE A 356 -16.78 17.01 -6.88
C PHE A 356 -17.20 17.52 -5.51
N PHE A 357 -16.25 18.10 -4.76
CA PHE A 357 -16.55 18.58 -3.42
C PHE A 357 -17.16 19.97 -3.41
N GLY A 358 -17.12 20.68 -4.53
CA GLY A 358 -17.58 22.06 -4.60
C GLY A 358 -16.78 22.98 -3.71
N LYS A 359 -15.47 22.73 -3.58
CA LYS A 359 -14.64 23.45 -2.63
C LYS A 359 -13.18 23.26 -3.03
N GLU A 360 -12.39 24.34 -2.92
CA GLU A 360 -11.00 24.23 -3.31
C GLU A 360 -10.21 23.46 -2.24
N PRO A 361 -9.26 22.64 -2.63
CA PRO A 361 -8.47 21.91 -1.64
C PRO A 361 -7.60 22.85 -0.82
N ARG A 362 -7.26 22.42 0.40
CA ARG A 362 -6.31 23.16 1.21
C ARG A 362 -4.98 23.29 0.47
N LYS A 363 -4.27 24.40 0.71
CA LYS A 363 -2.92 24.56 0.21
C LYS A 363 -1.84 24.40 1.27
N ASP A 364 -2.22 24.37 2.54
CA ASP A 364 -1.24 24.26 3.65
C ASP A 364 -0.99 22.82 4.05
N VAL A 365 -0.73 21.97 3.06
CA VAL A 365 -0.32 20.60 3.31
C VAL A 365 0.77 20.27 2.30
N ASN A 366 1.79 19.57 2.77
CA ASN A 366 2.90 19.20 1.91
C ASN A 366 2.57 17.87 1.27
N PRO A 367 2.33 17.80 -0.05
CA PRO A 367 1.89 16.54 -0.65
C PRO A 367 2.98 15.48 -0.73
N ASP A 368 4.23 15.83 -0.46
CA ASP A 368 5.32 14.87 -0.57
C ASP A 368 5.79 14.36 0.79
N GLU A 369 5.48 15.10 1.86
CA GLU A 369 6.06 14.87 3.16
C GLU A 369 5.05 14.70 4.28
N ALA A 370 3.75 14.95 4.04
CA ALA A 370 2.79 14.85 5.16
C ALA A 370 2.69 13.43 5.67
N VAL A 371 2.78 12.43 4.78
CA VAL A 371 2.68 11.06 5.24
C VAL A 371 3.85 10.71 6.16
N ALA A 372 5.08 11.05 5.76
CA ALA A 372 6.25 10.78 6.62
C ALA A 372 6.15 11.52 7.95
N ILE A 373 5.76 12.80 7.92
CA ILE A 373 5.60 13.56 9.17
C ILE A 373 4.63 12.85 10.09
N GLY A 374 3.52 12.36 9.54
CA GLY A 374 2.51 11.71 10.35
C GLY A 374 2.97 10.40 10.94
N ALA A 375 3.68 9.59 10.15
CA ALA A 375 4.32 8.42 10.71
C ALA A 375 5.18 8.78 11.91
N ALA A 376 5.88 9.92 11.85
CA ALA A 376 6.76 10.26 12.95
C ALA A 376 5.96 10.73 14.17
N VAL A 377 4.89 11.51 13.93
CA VAL A 377 4.01 11.88 15.02
C VAL A 377 3.41 10.64 15.67
N GLN A 378 3.06 9.63 14.87
CA GLN A 378 2.54 8.39 15.43
C GLN A 378 3.53 7.78 16.41
N GLY A 379 4.81 7.79 16.05
CA GLY A 379 5.84 7.24 16.93
C GLY A 379 5.99 8.05 18.19
N GLY A 380 5.79 9.36 18.12
CA GLY A 380 5.81 10.18 19.31
C GLY A 380 4.59 9.98 20.19
N VAL A 381 3.47 9.57 19.60
CA VAL A 381 2.31 9.18 20.40
C VAL A 381 2.59 7.87 21.11
N LEU A 382 3.26 6.93 20.43
CA LEU A 382 3.59 5.65 21.04
C LEU A 382 4.60 5.80 22.18
N THR A 383 5.68 6.56 21.96
CA THR A 383 6.64 6.75 23.05
C THR A 383 6.01 7.53 24.19
N GLY A 384 5.20 8.55 23.86
CA GLY A 384 4.62 9.43 24.85
C GLY A 384 5.11 10.84 24.76
N ASP A 385 6.01 11.14 23.82
CA ASP A 385 6.47 12.50 23.64
C ASP A 385 5.34 13.39 23.13
N VAL A 386 4.52 12.86 22.22
CA VAL A 386 3.31 13.55 21.79
C VAL A 386 2.18 13.06 22.67
N LYS A 387 1.51 14.00 23.33
CA LYS A 387 0.47 13.70 24.30
C LYS A 387 -0.82 14.40 23.88
N ASP A 388 -1.92 14.00 24.53
CA ASP A 388 -3.25 14.51 24.23
C ASP A 388 -3.59 14.34 22.76
N VAL A 389 -3.28 13.16 22.21
CA VAL A 389 -3.60 12.82 20.82
C VAL A 389 -4.10 11.38 20.78
N LEU A 390 -5.37 11.21 20.39
CA LEU A 390 -5.98 9.90 20.27
C LEU A 390 -6.24 9.58 18.81
N LEU A 391 -5.95 8.34 18.42
CA LEU A 391 -6.12 7.89 17.05
C LEU A 391 -7.11 6.74 17.02
N LEU A 392 -8.15 6.87 16.18
CA LEU A 392 -9.17 5.83 16.03
C LEU A 392 -9.33 5.53 14.53
N ASP A 393 -8.68 4.47 14.07
CA ASP A 393 -8.71 4.13 12.66
C ASP A 393 -9.71 3.01 12.41
N VAL A 394 -9.80 2.59 11.15
CA VAL A 394 -10.72 1.53 10.76
C VAL A 394 -9.99 0.47 9.93
N THR A 395 -10.68 -0.61 9.67
CA THR A 395 -10.21 -1.55 8.68
C THR A 395 -11.03 -1.38 7.40
N PRO A 396 -10.45 -1.58 6.21
CA PRO A 396 -11.11 -1.13 4.98
C PRO A 396 -12.10 -2.09 4.34
N LEU A 397 -11.98 -3.40 4.60
CA LEU A 397 -12.69 -4.42 3.83
C LEU A 397 -13.56 -5.27 4.75
N SER A 398 -14.68 -5.76 4.22
CA SER A 398 -15.56 -6.65 4.98
C SER A 398 -14.99 -8.05 5.04
N LEU A 399 -15.02 -8.62 6.24
CA LEU A 399 -14.41 -9.91 6.51
C LEU A 399 -15.40 -10.78 7.26
N GLY A 400 -15.46 -12.05 6.89
CA GLY A 400 -16.33 -12.96 7.58
C GLY A 400 -15.98 -14.41 7.28
N ILE A 401 -16.99 -15.28 7.43
CA ILE A 401 -16.84 -16.70 7.19
C ILE A 401 -17.97 -17.20 6.31
N GLU A 402 -17.72 -18.34 5.66
CA GLU A 402 -18.76 -19.05 4.93
C GLU A 402 -19.58 -19.88 5.90
N THR A 403 -20.90 -19.69 5.86
CA THR A 403 -21.84 -20.54 6.57
C THR A 403 -22.64 -21.37 5.56
N MET A 404 -23.52 -22.21 6.11
CA MET A 404 -24.18 -23.26 5.32
C MET A 404 -24.94 -22.67 4.13
N GLY A 405 -24.75 -23.28 2.96
CA GLY A 405 -25.41 -22.84 1.74
C GLY A 405 -24.63 -21.91 0.84
N GLY A 406 -23.31 -21.81 1.02
CA GLY A 406 -22.53 -20.87 0.22
C GLY A 406 -22.74 -19.42 0.57
N VAL A 407 -23.19 -19.14 1.80
CA VAL A 407 -23.53 -17.80 2.25
C VAL A 407 -22.36 -17.20 3.00
N MET A 408 -22.02 -15.95 2.65
CA MET A 408 -20.96 -15.22 3.39
C MET A 408 -21.59 -14.54 4.60
N THR A 409 -21.14 -14.90 5.81
CA THR A 409 -21.58 -14.22 7.02
C THR A 409 -20.45 -13.29 7.47
N THR A 410 -20.77 -12.00 7.62
CA THR A 410 -19.78 -10.97 7.90
C THR A 410 -19.62 -10.82 9.41
N LEU A 411 -18.40 -10.99 9.91
CA LEU A 411 -18.14 -10.72 11.32
C LEU A 411 -17.59 -9.32 11.55
N ILE A 412 -16.86 -8.77 10.59
CA ILE A 412 -16.37 -7.40 10.68
C ILE A 412 -16.69 -6.70 9.36
N ALA A 413 -17.52 -5.66 9.44
CA ALA A 413 -17.85 -4.89 8.26
C ALA A 413 -16.73 -3.88 7.96
N LYS A 414 -16.60 -3.52 6.68
CA LYS A 414 -15.73 -2.42 6.29
C LYS A 414 -16.00 -1.20 7.15
N ASN A 415 -14.92 -0.49 7.49
CA ASN A 415 -14.95 0.75 8.25
C ASN A 415 -15.30 0.54 9.72
N THR A 416 -15.14 -0.67 10.24
CA THR A 416 -15.20 -0.87 11.69
C THR A 416 -13.92 -0.34 12.34
N THR A 417 -14.08 0.37 13.46
CA THR A 417 -12.92 0.91 14.16
C THR A 417 -12.05 -0.24 14.67
N ILE A 418 -10.72 -0.05 14.61
CA ILE A 418 -9.76 -1.05 15.07
C ILE A 418 -8.95 -0.48 16.23
N PRO A 419 -8.32 -1.32 17.09
CA PRO A 419 -8.39 -2.79 17.11
C PRO A 419 -9.82 -3.32 17.33
N THR A 420 -10.10 -4.53 16.86
CA THR A 420 -11.45 -5.07 16.81
C THR A 420 -11.46 -6.49 17.39
N LYS A 421 -12.50 -6.82 18.15
CA LYS A 421 -12.76 -8.20 18.55
C LYS A 421 -14.25 -8.49 18.34
N HIS A 422 -14.59 -9.16 17.24
CA HIS A 422 -15.96 -9.53 16.93
C HIS A 422 -16.10 -11.05 17.01
N SER A 423 -17.04 -11.50 17.84
CA SER A 423 -17.34 -12.91 18.01
C SER A 423 -18.78 -13.18 17.60
N GLN A 424 -19.01 -14.38 17.09
CA GLN A 424 -20.36 -14.87 16.85
C GLN A 424 -20.36 -16.38 17.05
N VAL A 425 -21.51 -16.92 17.48
CA VAL A 425 -21.64 -18.33 17.80
C VAL A 425 -22.33 -19.03 16.63
N PHE A 426 -21.77 -20.17 16.23
CA PHE A 426 -22.29 -20.99 15.15
C PHE A 426 -22.44 -22.42 15.67
N SER A 427 -23.12 -23.26 14.88
CA SER A 427 -23.43 -24.63 15.29
C SER A 427 -23.25 -25.57 14.12
N THR A 428 -23.26 -26.87 14.44
CA THR A 428 -23.12 -27.92 13.44
C THR A 428 -24.36 -28.00 12.54
N ALA A 429 -24.15 -28.43 11.30
CA ALA A 429 -25.25 -28.53 10.34
C ALA A 429 -25.91 -29.91 10.35
N GLU A 430 -25.11 -30.97 10.43
CA GLU A 430 -25.63 -32.33 10.53
C GLU A 430 -25.70 -32.74 12.00
N ASP A 431 -26.11 -33.98 12.22
CA ASP A 431 -26.19 -34.56 13.55
C ASP A 431 -24.97 -35.43 13.79
N ASN A 432 -24.43 -35.36 15.01
CA ASN A 432 -23.18 -36.04 15.36
C ASN A 432 -22.06 -35.64 14.39
N GLN A 433 -22.09 -34.37 13.98
CA GLN A 433 -21.03 -33.77 13.17
C GLN A 433 -19.85 -33.42 14.09
N SER A 434 -18.70 -34.06 13.84
CA SER A 434 -17.57 -33.99 14.77
C SER A 434 -16.58 -32.86 14.46
N ALA A 435 -16.83 -32.06 13.42
CA ALA A 435 -15.94 -30.96 13.08
C ALA A 435 -16.69 -29.95 12.22
N VAL A 436 -16.19 -28.71 12.23
CA VAL A 436 -16.70 -27.63 11.39
C VAL A 436 -15.54 -27.03 10.63
N THR A 437 -15.82 -26.56 9.41
CA THR A 437 -14.83 -25.90 8.57
C THR A 437 -15.01 -24.39 8.71
N ILE A 438 -13.94 -23.71 9.13
CA ILE A 438 -13.94 -22.25 9.23
C ILE A 438 -13.25 -21.71 7.99
N HIS A 439 -14.02 -21.14 7.07
CA HIS A 439 -13.50 -20.62 5.81
C HIS A 439 -13.63 -19.10 5.84
N VAL A 440 -12.49 -18.38 5.77
CA VAL A 440 -12.42 -16.93 5.94
C VAL A 440 -12.59 -16.26 4.58
N LEU A 441 -13.42 -15.21 4.56
CA LEU A 441 -13.74 -14.51 3.34
C LEU A 441 -13.62 -13.01 3.52
N GLN A 442 -13.18 -12.34 2.45
CA GLN A 442 -13.12 -10.89 2.36
C GLN A 442 -13.95 -10.45 1.16
N GLY A 443 -14.82 -9.49 1.34
CA GLY A 443 -15.62 -8.98 0.24
C GLY A 443 -16.97 -8.51 0.71
N GLU A 444 -17.75 -7.97 -0.24
CA GLU A 444 -19.08 -7.44 0.04
C GLU A 444 -20.21 -8.27 -0.55
N ARG A 445 -19.93 -9.25 -1.40
CA ARG A 445 -20.96 -9.93 -2.17
C ARG A 445 -21.74 -10.91 -1.29
N LYS A 446 -22.99 -11.16 -1.68
CA LYS A 446 -23.88 -12.02 -0.89
C LYS A 446 -23.39 -13.46 -0.88
N ARG A 447 -23.08 -14.01 -2.05
CA ARG A 447 -22.57 -15.37 -2.13
C ARG A 447 -21.15 -15.44 -1.60
N ALA A 448 -20.85 -16.51 -0.88
CA ALA A 448 -19.47 -16.74 -0.46
C ALA A 448 -18.54 -16.90 -1.66
N ALA A 449 -19.04 -17.46 -2.77
CA ALA A 449 -18.18 -17.74 -3.90
C ALA A 449 -17.71 -16.48 -4.60
N ASP A 450 -18.49 -15.41 -4.56
CA ASP A 450 -18.09 -14.18 -5.24
C ASP A 450 -17.07 -13.35 -4.45
N ASN A 451 -16.84 -13.68 -3.18
CA ASN A 451 -15.87 -12.95 -2.38
C ASN A 451 -14.48 -13.62 -2.48
N LYS A 452 -13.48 -12.94 -1.92
CA LYS A 452 -12.12 -13.47 -1.89
C LYS A 452 -11.93 -14.39 -0.69
N SER A 453 -11.29 -15.52 -0.93
CA SER A 453 -10.95 -16.47 0.12
C SER A 453 -9.58 -16.13 0.73
N LEU A 454 -9.50 -16.15 2.05
CA LEU A 454 -8.27 -15.78 2.75
C LEU A 454 -7.58 -16.94 3.46
N GLY A 455 -8.31 -17.96 3.84
CA GLY A 455 -7.74 -19.08 4.58
C GLY A 455 -8.86 -19.95 5.12
N GLN A 456 -8.44 -21.11 5.64
CA GLN A 456 -9.39 -22.05 6.22
C GLN A 456 -8.67 -22.99 7.18
N PHE A 457 -9.35 -23.34 8.27
CA PHE A 457 -8.91 -24.38 9.19
C PHE A 457 -10.14 -25.12 9.71
N ASN A 458 -9.91 -26.31 10.25
CA ASN A 458 -10.98 -27.14 10.79
C ASN A 458 -10.85 -27.24 12.31
N LEU A 459 -11.98 -27.10 12.99
CA LEU A 459 -12.09 -27.29 14.44
C LEU A 459 -12.79 -28.62 14.68
N ASP A 460 -12.02 -29.62 15.10
CA ASP A 460 -12.54 -30.97 15.29
C ASP A 460 -12.63 -31.32 16.77
N GLY A 461 -13.32 -32.41 17.05
CA GLY A 461 -13.56 -32.83 18.42
C GLY A 461 -14.91 -32.43 18.99
N ILE A 462 -15.88 -32.05 18.15
CA ILE A 462 -17.19 -31.70 18.64
C ILE A 462 -17.88 -32.96 19.12
N ASN A 463 -18.38 -32.94 20.35
CA ASN A 463 -19.06 -34.09 20.91
C ASN A 463 -20.33 -34.36 20.12
N PRO A 464 -20.62 -35.61 19.77
CA PRO A 464 -21.83 -35.91 18.99
C PRO A 464 -23.07 -35.36 19.69
N ALA A 465 -23.98 -34.80 18.90
CA ALA A 465 -25.10 -34.04 19.40
C ALA A 465 -26.09 -33.78 18.27
N PRO A 466 -27.29 -33.25 18.55
CA PRO A 466 -28.17 -32.83 17.47
C PRO A 466 -27.57 -31.68 16.69
N ARG A 467 -28.01 -31.55 15.43
CA ARG A 467 -27.64 -30.39 14.63
C ARG A 467 -28.15 -29.12 15.29
N GLY A 468 -27.33 -28.06 15.23
CA GLY A 468 -27.70 -26.77 15.77
C GLY A 468 -27.42 -26.59 17.25
N MET A 469 -27.15 -27.67 17.99
CA MET A 469 -26.93 -27.60 19.42
C MET A 469 -25.50 -27.24 19.84
N PRO A 470 -24.45 -27.80 19.23
CA PRO A 470 -23.09 -27.39 19.63
C PRO A 470 -22.89 -25.90 19.48
N GLN A 471 -22.10 -25.33 20.38
CA GLN A 471 -21.81 -23.90 20.39
C GLN A 471 -20.36 -23.69 19.96
N ILE A 472 -20.19 -23.27 18.69
CA ILE A 472 -18.89 -22.96 18.11
C ILE A 472 -18.78 -21.44 18.00
N GLU A 473 -17.89 -20.85 18.82
CA GLU A 473 -17.69 -19.41 18.85
C GLU A 473 -16.50 -19.05 17.98
N VAL A 474 -16.75 -18.25 16.95
CA VAL A 474 -15.71 -17.78 16.03
C VAL A 474 -15.46 -16.32 16.32
N THR A 475 -14.19 -15.98 16.56
CA THR A 475 -13.76 -14.63 16.91
C THR A 475 -12.82 -14.10 15.84
N PHE A 476 -13.11 -12.90 15.35
CA PHE A 476 -12.23 -12.17 14.43
C PHE A 476 -11.56 -11.06 15.24
N ASP A 477 -10.22 -11.10 15.28
CA ASP A 477 -9.43 -10.14 16.04
C ASP A 477 -8.51 -9.38 15.08
N ILE A 478 -8.65 -8.06 15.04
CA ILE A 478 -7.85 -7.17 14.22
C ILE A 478 -7.10 -6.22 15.15
N ASP A 479 -5.77 -6.21 15.05
CA ASP A 479 -4.95 -5.37 15.91
C ASP A 479 -4.87 -3.96 15.35
N ALA A 480 -4.02 -3.14 15.99
CA ALA A 480 -3.89 -1.73 15.65
C ALA A 480 -3.22 -1.50 14.30
N ASP A 481 -2.53 -2.50 13.77
CA ASP A 481 -1.91 -2.48 12.45
C ASP A 481 -2.89 -2.82 11.32
N GLY A 482 -4.12 -3.20 11.65
CA GLY A 482 -5.05 -3.64 10.63
C GLY A 482 -4.90 -5.08 10.21
N ILE A 483 -4.20 -5.91 11.00
CA ILE A 483 -3.92 -7.29 10.65
C ILE A 483 -4.82 -8.23 11.48
N LEU A 484 -5.32 -9.28 10.82
CA LEU A 484 -6.43 -10.08 11.30
C LEU A 484 -5.99 -11.48 11.74
N HIS A 485 -6.47 -11.90 12.92
CA HIS A 485 -6.45 -13.29 13.32
C HIS A 485 -7.88 -13.78 13.52
N VAL A 486 -8.12 -15.03 13.13
CA VAL A 486 -9.43 -15.67 13.24
C VAL A 486 -9.32 -16.90 14.15
N SER A 487 -10.24 -16.99 15.11
CA SER A 487 -10.27 -18.02 16.14
C SER A 487 -11.61 -18.73 16.11
N ALA A 488 -11.58 -20.03 16.45
CA ALA A 488 -12.78 -20.82 16.71
C ALA A 488 -12.55 -21.73 17.90
N LYS A 489 -13.54 -21.83 18.80
CA LYS A 489 -13.43 -22.71 19.94
C LYS A 489 -14.80 -23.28 20.29
N ASP A 490 -14.82 -24.56 20.68
CA ASP A 490 -16.03 -25.20 21.18
C ASP A 490 -16.26 -24.75 22.62
N LYS A 491 -17.41 -24.15 22.89
CA LYS A 491 -17.68 -23.55 24.19
C LYS A 491 -17.83 -24.57 25.31
N ASN A 492 -17.99 -25.84 24.98
CA ASN A 492 -18.09 -26.89 25.98
C ASN A 492 -16.81 -27.71 26.12
N SER A 493 -15.71 -27.26 25.50
CA SER A 493 -14.43 -27.92 25.67
C SER A 493 -14.00 -27.84 27.14
N GLY A 494 -13.49 -28.96 27.65
CA GLY A 494 -13.03 -28.99 29.03
C GLY A 494 -11.88 -28.03 29.29
N LYS A 495 -10.90 -28.02 28.39
CA LYS A 495 -9.76 -27.11 28.49
C LYS A 495 -9.97 -25.82 27.71
N GLU A 496 -11.21 -25.56 27.25
CA GLU A 496 -11.56 -24.35 26.50
C GLU A 496 -10.72 -24.20 25.23
N GLN A 497 -10.45 -25.33 24.57
CA GLN A 497 -9.52 -25.40 23.44
C GLN A 497 -9.93 -24.46 22.31
N LYS A 498 -8.94 -23.74 21.76
CA LYS A 498 -9.21 -22.77 20.69
C LYS A 498 -8.12 -22.86 19.62
N ILE A 499 -8.54 -22.84 18.35
CA ILE A 499 -7.64 -22.81 17.20
C ILE A 499 -7.62 -21.39 16.65
N THR A 500 -6.42 -20.82 16.47
CA THR A 500 -6.25 -19.49 15.90
C THR A 500 -5.30 -19.57 14.70
N ILE A 501 -5.65 -18.83 13.64
CA ILE A 501 -4.84 -18.74 12.42
C ILE A 501 -4.61 -17.28 12.05
N LYS A 502 -3.50 -17.02 11.37
CA LYS A 502 -3.38 -15.75 10.67
C LYS A 502 -4.21 -15.79 9.38
N ALA A 503 -4.61 -14.60 8.92
CA ALA A 503 -5.56 -14.51 7.82
C ALA A 503 -4.94 -14.61 6.43
N SER A 504 -3.62 -14.50 6.28
CA SER A 504 -3.05 -14.25 4.97
C SER A 504 -1.83 -15.14 4.74
N SER A 505 -1.57 -15.41 3.45
CA SER A 505 -0.37 -16.12 3.02
C SER A 505 0.82 -15.17 3.04
N GLY A 506 1.94 -15.67 3.55
CA GLY A 506 3.13 -14.85 3.60
C GLY A 506 4.34 -15.67 3.95
N LEU A 507 5.40 -14.96 4.35
CA LEU A 507 6.64 -15.62 4.72
C LEU A 507 6.47 -16.35 6.05
N ASN A 508 7.11 -17.51 6.16
CA ASN A 508 7.21 -18.20 7.44
C ASN A 508 8.48 -17.76 8.16
N GLU A 509 8.62 -18.21 9.42
CA GLU A 509 9.75 -17.74 10.22
C GLU A 509 11.09 -18.21 9.68
N ASP A 510 11.14 -19.39 9.06
CA ASP A 510 12.42 -19.85 8.51
C ASP A 510 12.90 -18.92 7.39
N GLU A 511 11.98 -18.53 6.50
CA GLU A 511 12.35 -17.62 5.42
C GLU A 511 12.80 -16.27 5.96
N ILE A 512 12.03 -15.72 6.91
CA ILE A 512 12.34 -14.39 7.42
C ILE A 512 13.71 -14.38 8.09
N GLN A 513 13.96 -15.37 8.97
CA GLN A 513 15.25 -15.41 9.66
C GLN A 513 16.39 -15.59 8.69
N LYS A 514 16.22 -16.43 7.67
CA LYS A 514 17.23 -16.53 6.63
C LYS A 514 17.41 -15.18 5.93
N MET A 515 16.30 -14.51 5.60
CA MET A 515 16.39 -13.23 4.93
C MET A 515 16.96 -12.15 5.86
N VAL A 516 16.59 -12.20 7.15
CA VAL A 516 17.19 -11.28 8.12
C VAL A 516 18.71 -11.46 8.16
N ARG A 517 19.19 -12.71 8.10
CA ARG A 517 20.63 -12.95 8.11
C ARG A 517 21.27 -12.57 6.77
N ASP A 518 20.58 -12.83 5.65
CA ASP A 518 21.09 -12.34 4.38
C ASP A 518 21.18 -10.82 4.38
N ALA A 519 20.30 -10.14 5.13
CA ALA A 519 20.31 -8.68 5.18
C ALA A 519 21.46 -8.12 6.01
N GLU A 520 22.02 -8.92 6.92
CA GLU A 520 23.26 -8.57 7.59
C GLU A 520 24.49 -9.04 6.84
N ALA A 521 24.36 -10.04 5.96
CA ALA A 521 25.42 -10.35 5.00
C ALA A 521 25.65 -9.19 4.05
N ASN A 522 24.56 -8.56 3.58
CA ASN A 522 24.69 -7.42 2.67
C ASN A 522 25.19 -6.17 3.39
N ALA A 523 24.87 -6.03 4.68
CA ALA A 523 25.28 -4.84 5.44
C ALA A 523 26.75 -4.86 5.84
N GLU A 524 27.30 -6.05 6.13
CA GLU A 524 28.74 -6.17 6.35
C GLU A 524 29.53 -6.08 5.04
N ALA A 525 28.91 -6.48 3.92
CA ALA A 525 29.57 -6.39 2.62
C ALA A 525 29.66 -4.93 2.13
N ASP A 526 28.62 -4.13 2.38
CA ASP A 526 28.56 -2.76 1.89
C ASP A 526 29.64 -1.86 2.50
N GLY A 545 -26.01 -20.56 19.49
CA GLY A 545 -25.56 -20.34 18.12
C GLY A 545 -26.56 -20.74 17.06
N ASN A 546 -26.79 -19.83 16.09
CA ASN A 546 -27.91 -19.95 15.16
C ASN A 546 -27.47 -20.37 13.76
N ARG A 547 -26.54 -19.65 13.14
CA ARG A 547 -26.11 -19.99 11.78
C ARG A 547 -25.29 -21.28 11.80
N LEU A 548 -25.30 -21.98 10.67
CA LEU A 548 -24.85 -23.37 10.63
C LEU A 548 -23.58 -23.50 9.78
N LEU A 549 -22.60 -24.23 10.31
CA LEU A 549 -21.34 -24.46 9.61
C LEU A 549 -21.31 -25.87 9.05
N LEU A 550 -20.87 -26.02 7.80
CA LEU A 550 -20.74 -27.36 7.19
C LEU A 550 -19.82 -28.23 8.07
PG ATP B . 2.19 5.59 -3.32
O1G ATP B . 2.78 4.32 -2.77
O2G ATP B . 1.20 5.39 -4.43
O3G ATP B . 1.74 6.56 -2.25
PB ATP B . 4.37 7.47 -3.54
O1B ATP B . 3.91 7.94 -2.19
O2B ATP B . 5.78 6.98 -3.75
O3B ATP B . 3.41 6.30 -4.11
PA ATP B . 4.38 10.12 -4.61
O1A ATP B . 5.88 10.31 -4.43
O2A ATP B . 3.41 10.80 -3.67
O3A ATP B . 4.05 8.56 -4.68
O5' ATP B . 4.02 10.52 -6.11
C5' ATP B . 4.79 9.95 -7.17
C4' ATP B . 4.01 10.08 -8.47
O4' ATP B . 3.69 11.45 -8.69
C3' ATP B . 4.83 9.64 -9.67
O3' ATP B . 3.97 8.87 -10.52
C2' ATP B . 5.23 10.93 -10.36
O2' ATP B . 5.38 10.80 -11.77
C1' ATP B . 4.03 11.79 -10.04
N9 ATP B . 4.34 13.23 -10.11
C8 ATP B . 5.33 13.86 -9.47
N7 ATP B . 5.33 15.19 -9.75
C5 ATP B . 4.29 15.43 -10.58
C6 ATP B . 3.72 16.60 -11.26
N6 ATP B . 4.27 17.82 -11.09
N1 ATP B . 2.64 16.41 -12.05
C2 ATP B . 2.09 15.18 -12.23
N3 ATP B . 2.56 14.07 -11.64
C4 ATP B . 3.64 14.12 -10.82
MG MG C . 2.46 7.94 -0.88
C1 GOL D . 17.21 17.13 7.86
O1 GOL D . 18.25 17.01 6.94
C2 GOL D . 16.78 18.63 7.96
O2 GOL D . 15.43 18.76 8.20
C3 GOL D . 17.19 19.30 6.63
O3 GOL D . 16.50 20.55 6.59
C1 GOL E . 1.27 0.65 -15.15
O1 GOL E . -0.05 0.56 -15.59
C2 GOL E . 1.85 -0.80 -15.13
O2 GOL E . 1.15 -1.62 -14.25
C3 GOL E . 3.35 -0.63 -14.73
O3 GOL E . 3.41 -0.50 -13.33
S SO4 F . 13.25 22.03 8.04
O1 SO4 F . 14.65 22.00 8.48
O2 SO4 F . 12.51 21.03 8.80
O3 SO4 F . 12.70 23.37 8.27
O4 SO4 F . 13.17 21.74 6.61
#